data_4F65
#
_entry.id   4F65
#
_cell.length_a   210.713
_cell.length_b   50.365
_cell.length_c   65.641
_cell.angle_alpha   90.00
_cell.angle_beta   106.67
_cell.angle_gamma   90.00
#
_symmetry.space_group_name_H-M   'C 1 2 1'
#
loop_
_entity.id
_entity.type
_entity.pdbx_description
1 polymer 'Fibroblast growth factor receptor 1'
2 non-polymer 'SULFATE ION'
3 non-polymer 1,2-ETHANEDIOL
4 non-polymer 5-bromo-N~2~-[(3-methyl-1,2-oxazol-5-yl)methyl]-N~4~-[3-(2-phenylethyl)-1H-pyrazol-5-yl]pyrimidine-2,4-diamine
5 water water
#
_entity_poly.entity_id   1
_entity_poly.type   'polypeptide(L)'
_entity_poly.pdbx_seq_one_letter_code
;GAGVSEYELPEDPRWELPRDRLVLGKPLGEGAFGQVVLAEAIGLDKDKPNRVTKVAVKMLKSDATEKDLSDLISEMEMMK
MIGKHKNIINLLGACTQDGPLYVIVEYASKGNLREYLQARRPPGLEYSYNPSHNPEEQLSSKDLVSCAYQVARGMEYLAS
KKCIHRDLAARNVLVTEDNVMKIADFGLARDIHHIDYYKKTTNGRLPVKWMAPEALFDRIYTHQSDVWSFGVLLWEIFTL
GGSPYPGVPVEELFKLLKEGHRMDKPSNCTNELYMMMRDCWHAVPSQRPTFKQLVEDLDRIVALTSNQE
;
_entity_poly.pdbx_strand_id   A,B
#
loop_
_chem_comp.id
_chem_comp.type
_chem_comp.name
_chem_comp.formula
0S9 non-polymer 5-bromo-N~2~-[(3-methyl-1,2-oxazol-5-yl)methyl]-N~4~-[3-(2-phenylethyl)-1H-pyrazol-5-yl]pyrimidine-2,4-diamine 'C20 H20 Br N7 O'
EDO non-polymer 1,2-ETHANEDIOL 'C2 H6 O2'
SO4 non-polymer 'SULFATE ION' 'O4 S -2'
#
# COMPACT_ATOMS: atom_id res chain seq x y z
N GLU A 8 25.19 34.39 -30.95
CA GLU A 8 25.57 35.03 -29.69
C GLU A 8 24.36 35.31 -28.82
N LEU A 9 24.59 35.33 -27.50
CA LEU A 9 23.60 35.62 -26.48
C LEU A 9 23.77 37.08 -26.07
N PRO A 10 22.69 37.81 -25.69
CA PRO A 10 22.90 39.21 -25.26
C PRO A 10 23.51 39.27 -23.86
N GLU A 11 24.30 40.31 -23.55
CA GLU A 11 24.91 40.43 -22.22
C GLU A 11 23.95 41.10 -21.23
N ASP A 12 24.01 40.64 -19.99
CA ASP A 12 23.22 41.14 -18.88
C ASP A 12 24.21 41.32 -17.74
N PRO A 13 24.70 42.57 -17.55
CA PRO A 13 25.71 42.84 -16.51
C PRO A 13 25.27 42.54 -15.08
N ARG A 14 23.95 42.43 -14.85
CA ARG A 14 23.40 42.13 -13.51
C ARG A 14 23.91 40.75 -13.02
N TRP A 15 24.05 39.80 -13.97
CA TRP A 15 24.34 38.38 -13.73
C TRP A 15 25.65 37.86 -14.30
N GLU A 16 26.25 38.57 -15.26
CA GLU A 16 27.50 38.14 -15.89
C GLU A 16 28.70 37.99 -14.95
N LEU A 17 29.41 36.84 -15.04
CA LEU A 17 30.66 36.59 -14.30
C LEU A 17 31.78 36.28 -15.30
N PRO A 18 32.96 36.95 -15.26
CA PRO A 18 34.02 36.60 -16.22
C PRO A 18 34.38 35.11 -16.10
N ARG A 19 34.59 34.41 -17.24
CA ARG A 19 34.95 32.98 -17.33
C ARG A 19 36.16 32.54 -16.46
N ASP A 20 37.16 33.43 -16.28
CA ASP A 20 38.35 33.18 -15.45
C ASP A 20 38.02 33.12 -13.96
N ARG A 21 36.83 33.58 -13.56
CA ARG A 21 36.40 33.60 -12.17
C ARG A 21 35.73 32.30 -11.76
N LEU A 22 35.67 31.36 -12.68
CA LEU A 22 34.99 30.11 -12.47
C LEU A 22 35.88 28.94 -12.79
N VAL A 23 36.17 28.14 -11.77
CA VAL A 23 37.00 26.95 -11.86
C VAL A 23 36.09 25.74 -11.81
N LEU A 24 35.89 25.10 -12.97
CA LEU A 24 35.00 23.94 -13.10
C LEU A 24 35.60 22.72 -12.44
N GLY A 25 34.77 22.00 -11.67
CA GLY A 25 35.20 20.83 -10.92
C GLY A 25 34.51 19.56 -11.36
N LYS A 26 34.24 18.67 -10.37
CA LYS A 26 33.64 17.35 -10.59
C LYS A 26 32.19 17.41 -11.11
N PRO A 27 31.80 16.48 -12.01
CA PRO A 27 30.40 16.43 -12.45
C PRO A 27 29.51 16.02 -11.28
N LEU A 28 28.30 16.62 -11.16
CA LEU A 28 27.38 16.29 -10.08
C LEU A 28 26.30 15.30 -10.56
N GLY A 29 25.88 15.50 -11.80
CA GLY A 29 24.88 14.67 -12.46
C GLY A 29 24.11 15.42 -13.52
N GLU A 30 23.17 14.73 -14.16
CA GLU A 30 22.32 15.34 -15.18
C GLU A 30 21.19 16.06 -14.48
N GLY A 31 20.74 17.15 -15.11
CA GLY A 31 19.63 17.97 -14.66
C GLY A 31 18.75 18.29 -15.84
N ALA A 32 17.65 19.02 -15.64
CA ALA A 32 16.79 19.41 -16.76
C ALA A 32 17.58 20.32 -17.70
N PHE A 33 17.52 20.06 -19.03
CA PHE A 33 18.13 20.84 -20.11
C PHE A 33 19.65 20.71 -20.32
N GLY A 34 20.34 19.92 -19.46
CA GLY A 34 21.78 19.74 -19.60
C GLY A 34 22.46 18.98 -18.48
N GLN A 35 23.73 19.27 -18.26
CA GLN A 35 24.58 18.65 -17.26
C GLN A 35 24.97 19.63 -16.16
N VAL A 36 25.12 19.12 -14.94
CA VAL A 36 25.46 19.92 -13.78
C VAL A 36 26.83 19.48 -13.23
N VAL A 37 27.73 20.46 -13.03
CA VAL A 37 29.05 20.24 -12.45
C VAL A 37 29.24 21.12 -11.20
N LEU A 38 30.08 20.68 -10.27
CA LEU A 38 30.46 21.44 -9.09
C LEU A 38 31.54 22.42 -9.58
N ALA A 39 31.60 23.64 -8.99
CA ALA A 39 32.59 24.62 -9.38
C ALA A 39 32.90 25.57 -8.26
N GLU A 40 33.97 26.36 -8.45
CA GLU A 40 34.40 27.41 -7.56
C GLU A 40 34.39 28.74 -8.25
N ALA A 41 33.60 29.66 -7.70
CA ALA A 41 33.50 30.99 -8.28
C ALA A 41 34.26 31.96 -7.42
N ILE A 42 35.20 32.66 -8.06
CA ILE A 42 36.06 33.67 -7.42
C ILE A 42 35.34 35.02 -7.46
N GLY A 43 35.13 35.59 -6.27
CA GLY A 43 34.53 36.92 -6.08
C GLY A 43 33.13 37.09 -6.62
N LEU A 44 32.20 36.22 -6.14
CA LEU A 44 30.77 36.29 -6.54
C LEU A 44 30.14 37.53 -5.94
N ASP A 45 30.43 37.83 -4.65
CA ASP A 45 29.91 39.01 -3.92
C ASP A 45 30.45 40.34 -4.44
N LYS A 48 33.61 39.87 -0.70
CA LYS A 48 35.02 40.10 -1.06
C LYS A 48 35.41 39.48 -2.42
N PRO A 49 36.19 40.18 -3.28
CA PRO A 49 36.60 39.59 -4.56
C PRO A 49 37.63 38.45 -4.45
N ASN A 50 38.21 38.22 -3.25
CA ASN A 50 39.22 37.18 -3.03
C ASN A 50 38.65 35.89 -2.46
N ARG A 51 37.34 35.86 -2.19
CA ARG A 51 36.70 34.68 -1.62
C ARG A 51 36.18 33.74 -2.71
N VAL A 52 36.37 32.42 -2.51
CA VAL A 52 35.81 31.41 -3.42
C VAL A 52 34.53 30.83 -2.80
N THR A 53 33.55 30.57 -3.67
CA THR A 53 32.27 30.00 -3.26
C THR A 53 32.05 28.74 -4.09
N LYS A 54 31.67 27.62 -3.41
CA LYS A 54 31.27 26.39 -4.11
C LYS A 54 29.88 26.65 -4.71
N VAL A 55 29.75 26.43 -6.03
CA VAL A 55 28.51 26.64 -6.77
C VAL A 55 28.22 25.44 -7.69
N ALA A 56 26.97 25.34 -8.21
CA ALA A 56 26.59 24.33 -9.21
C ALA A 56 26.49 25.05 -10.54
N VAL A 57 26.95 24.42 -11.60
CA VAL A 57 26.95 25.02 -12.93
C VAL A 57 26.23 24.10 -13.90
N LYS A 58 25.13 24.60 -14.49
CA LYS A 58 24.41 23.87 -15.52
C LYS A 58 24.89 24.36 -16.88
N MET A 59 25.12 23.41 -17.77
CA MET A 59 25.58 23.67 -19.13
C MET A 59 24.98 22.61 -20.02
N LEU A 60 24.98 22.85 -21.34
CA LEU A 60 24.46 21.88 -22.30
C LEU A 60 25.40 20.69 -22.43
N LYS A 61 24.84 19.52 -22.77
CA LYS A 61 25.62 18.31 -23.08
C LYS A 61 26.11 18.51 -24.53
N SER A 62 27.24 17.86 -24.92
CA SER A 62 27.81 17.98 -26.27
C SER A 62 26.83 17.56 -27.42
N ASP A 63 25.77 16.80 -27.05
CA ASP A 63 24.73 16.30 -27.96
C ASP A 63 23.41 17.10 -27.89
N ALA A 64 23.48 18.33 -27.36
CA ALA A 64 22.32 19.23 -27.23
C ALA A 64 21.98 19.89 -28.57
N THR A 65 20.69 20.21 -28.77
CA THR A 65 20.17 20.86 -29.98
C THR A 65 19.85 22.35 -29.73
N GLU A 66 19.40 23.09 -30.78
CA GLU A 66 19.01 24.50 -30.66
C GLU A 66 17.80 24.68 -29.74
N LYS A 67 16.98 23.61 -29.57
CA LYS A 67 15.83 23.56 -28.67
C LYS A 67 16.34 23.47 -27.25
N ASP A 68 17.39 22.65 -27.03
CA ASP A 68 18.04 22.46 -25.73
C ASP A 68 18.61 23.79 -25.23
N LEU A 69 19.35 24.53 -26.11
CA LEU A 69 19.91 25.85 -25.79
C LEU A 69 18.80 26.84 -25.40
N SER A 70 17.73 26.99 -26.22
CA SER A 70 16.62 27.90 -25.93
C SER A 70 15.91 27.56 -24.61
N ASP A 71 15.82 26.26 -24.26
CA ASP A 71 15.23 25.80 -22.99
C ASP A 71 16.14 26.17 -21.80
N LEU A 72 17.48 26.11 -21.98
CA LEU A 72 18.44 26.47 -20.93
C LEU A 72 18.39 27.98 -20.68
N ILE A 73 18.36 28.78 -21.77
CA ILE A 73 18.25 30.24 -21.69
C ILE A 73 16.95 30.63 -20.96
N SER A 74 15.80 30.05 -21.38
CA SER A 74 14.51 30.36 -20.75
C SER A 74 14.46 30.01 -19.26
N GLU A 75 15.11 28.89 -18.85
CA GLU A 75 15.18 28.54 -17.42
C GLU A 75 15.99 29.63 -16.66
N MET A 76 17.11 30.09 -17.26
CA MET A 76 17.96 31.14 -16.69
C MET A 76 17.15 32.46 -16.58
N GLU A 77 16.44 32.84 -17.67
CA GLU A 77 15.61 34.06 -17.73
C GLU A 77 14.51 34.07 -16.69
N MET A 78 13.88 32.92 -16.49
CA MET A 78 12.82 32.75 -15.52
C MET A 78 13.35 32.91 -14.09
N MET A 79 14.51 32.29 -13.80
CA MET A 79 15.19 32.39 -12.50
C MET A 79 15.57 33.84 -12.13
N LYS A 80 15.95 34.67 -13.14
CA LYS A 80 16.24 36.10 -12.95
C LYS A 80 14.99 36.82 -12.44
N MET A 81 13.82 36.53 -13.04
CA MET A 81 12.54 37.16 -12.71
C MET A 81 12.02 36.75 -11.33
N ILE A 82 12.09 35.45 -10.99
CA ILE A 82 11.49 34.87 -9.77
C ILE A 82 11.89 35.50 -8.44
N GLY A 83 13.13 35.93 -8.36
CA GLY A 83 13.61 36.53 -7.11
C GLY A 83 14.02 35.49 -6.08
N LYS A 84 14.69 35.94 -5.03
CA LYS A 84 15.24 35.09 -4.00
C LYS A 84 14.30 34.49 -2.96
N HIS A 85 14.54 33.21 -2.64
CA HIS A 85 13.87 32.48 -1.58
C HIS A 85 14.81 31.38 -1.09
N LYS A 86 14.84 31.19 0.23
CA LYS A 86 15.64 30.20 0.97
C LYS A 86 15.38 28.78 0.47
N ASN A 87 14.08 28.49 0.12
CA ASN A 87 13.60 27.17 -0.28
C ASN A 87 13.48 26.86 -1.74
N ILE A 88 14.21 27.63 -2.56
CA ILE A 88 14.33 27.36 -3.98
C ILE A 88 15.81 27.41 -4.32
N ILE A 89 16.23 26.76 -5.42
CA ILE A 89 17.61 26.86 -5.91
C ILE A 89 17.68 28.24 -6.56
N ASN A 90 18.53 29.12 -6.02
CA ASN A 90 18.67 30.49 -6.53
C ASN A 90 19.78 30.67 -7.57
N LEU A 91 19.53 31.53 -8.55
CA LEU A 91 20.50 31.91 -9.57
C LEU A 91 21.58 32.79 -8.91
N LEU A 92 22.85 32.54 -9.24
CA LEU A 92 23.95 33.33 -8.69
C LEU A 92 24.73 34.07 -9.76
N GLY A 93 24.67 33.57 -10.98
CA GLY A 93 25.41 34.20 -12.07
C GLY A 93 25.35 33.43 -13.37
N ALA A 94 26.06 33.94 -14.41
CA ALA A 94 26.11 33.31 -15.74
C ALA A 94 27.31 33.74 -16.54
N CYS A 95 27.83 32.82 -17.39
CA CYS A 95 28.90 33.07 -18.37
C CYS A 95 28.19 32.84 -19.69
N THR A 96 27.85 33.91 -20.38
CA THR A 96 27.02 33.86 -21.60
C THR A 96 27.76 34.26 -22.86
N GLN A 97 28.89 34.99 -22.69
CA GLN A 97 29.71 35.53 -23.76
C GLN A 97 30.97 34.71 -23.99
N ASP A 98 31.36 34.57 -25.26
CA ASP A 98 32.58 33.90 -25.74
C ASP A 98 32.81 32.48 -25.18
N GLY A 99 31.87 31.59 -25.43
CA GLY A 99 31.98 30.21 -25.01
C GLY A 99 30.66 29.58 -24.61
N PRO A 100 30.67 28.33 -24.11
CA PRO A 100 29.42 27.67 -23.72
C PRO A 100 28.70 28.43 -22.61
N LEU A 101 27.36 28.34 -22.60
CA LEU A 101 26.53 28.98 -21.59
C LEU A 101 26.67 28.21 -20.28
N TYR A 102 27.02 28.93 -19.20
CA TYR A 102 27.14 28.38 -17.86
C TYR A 102 26.11 29.08 -16.99
N VAL A 103 25.12 28.33 -16.47
CA VAL A 103 24.08 28.89 -15.59
C VAL A 103 24.54 28.51 -14.18
N ILE A 104 25.05 29.50 -13.43
CA ILE A 104 25.62 29.35 -12.07
C ILE A 104 24.56 29.54 -10.99
N VAL A 105 24.38 28.53 -10.15
CA VAL A 105 23.33 28.51 -9.13
C VAL A 105 23.87 27.96 -7.80
N GLU A 106 22.99 27.94 -6.77
CA GLU A 106 23.36 27.44 -5.45
C GLU A 106 23.74 25.96 -5.47
N TYR A 107 24.76 25.60 -4.67
CA TYR A 107 25.18 24.24 -4.56
C TYR A 107 24.49 23.59 -3.34
N ALA A 108 23.81 22.45 -3.58
CA ALA A 108 23.07 21.63 -2.59
C ALA A 108 23.84 20.35 -2.50
N SER A 109 24.77 20.29 -1.54
CA SER A 109 25.70 19.17 -1.36
C SER A 109 25.10 17.80 -1.06
N LYS A 110 23.90 17.74 -0.49
CA LYS A 110 23.31 16.44 -0.11
C LYS A 110 22.42 15.79 -1.15
N GLY A 111 22.41 16.34 -2.35
CA GLY A 111 21.67 15.80 -3.48
C GLY A 111 20.16 15.91 -3.38
N ASN A 112 19.44 15.14 -4.21
CA ASN A 112 17.99 15.19 -4.24
C ASN A 112 17.34 14.61 -2.98
N LEU A 113 16.12 15.07 -2.66
CA LEU A 113 15.40 14.66 -1.46
C LEU A 113 15.09 13.14 -1.40
N ARG A 114 14.73 12.53 -2.54
CA ARG A 114 14.42 11.10 -2.61
C ARG A 114 15.62 10.29 -2.11
N GLU A 115 16.82 10.55 -2.70
CA GLU A 115 18.08 9.90 -2.34
C GLU A 115 18.52 10.23 -0.90
N TYR A 116 18.22 11.45 -0.43
CA TYR A 116 18.56 11.93 0.92
C TYR A 116 17.76 11.13 1.97
N LEU A 117 16.46 10.92 1.72
CA LEU A 117 15.57 10.19 2.63
C LEU A 117 15.91 8.69 2.65
N GLN A 118 16.23 8.11 1.47
CA GLN A 118 16.56 6.68 1.37
C GLN A 118 17.83 6.34 2.09
N ALA A 119 18.86 7.21 2.02
CA ALA A 119 20.13 6.99 2.68
C ALA A 119 20.01 7.07 4.22
N ARG A 120 18.87 7.63 4.70
CA ARG A 120 18.60 7.85 6.12
C ARG A 120 17.58 6.87 6.71
N ARG A 121 17.25 5.83 5.93
CA ARG A 121 16.35 4.78 6.37
C ARG A 121 17.07 3.90 7.40
N PRO A 122 16.37 3.37 8.43
CA PRO A 122 17.02 2.47 9.39
C PRO A 122 17.64 1.27 8.65
N PRO A 123 18.93 0.94 8.87
CA PRO A 123 19.54 -0.19 8.15
C PRO A 123 19.19 -1.54 8.77
N PRO A 135 25.30 4.82 4.32
CA PRO A 135 24.10 5.21 5.08
C PRO A 135 24.33 6.36 6.06
N GLU A 136 23.34 7.24 6.14
CA GLU A 136 23.37 8.44 6.97
C GLU A 136 22.39 8.38 8.13
N GLU A 137 22.61 9.25 9.14
CA GLU A 137 21.87 9.36 10.39
C GLU A 137 20.37 9.50 10.23
N GLN A 138 19.60 8.67 10.97
CA GLN A 138 18.15 8.66 11.01
C GLN A 138 17.52 10.03 11.27
N LEU A 139 16.38 10.28 10.63
CA LEU A 139 15.68 11.55 10.74
C LEU A 139 14.53 11.38 11.72
N SER A 140 14.36 12.34 12.62
CA SER A 140 13.25 12.30 13.56
C SER A 140 11.94 12.66 12.86
N SER A 141 10.80 12.42 13.53
CA SER A 141 9.49 12.77 13.02
C SER A 141 9.43 14.28 12.78
N LYS A 142 10.06 15.08 13.68
CA LYS A 142 10.10 16.53 13.55
C LYS A 142 10.87 16.95 12.29
N ASP A 143 12.04 16.30 12.00
CA ASP A 143 12.85 16.56 10.82
C ASP A 143 12.03 16.35 9.56
N LEU A 144 11.20 15.29 9.51
CA LEU A 144 10.38 14.96 8.36
C LEU A 144 9.30 15.99 8.14
N VAL A 145 8.64 16.44 9.20
CA VAL A 145 7.61 17.48 9.07
C VAL A 145 8.24 18.82 8.68
N SER A 146 9.47 19.09 9.16
CA SER A 146 10.18 20.34 8.83
C SER A 146 10.53 20.35 7.35
N CYS A 147 10.97 19.19 6.82
CA CYS A 147 11.30 19.02 5.43
CA CYS A 147 11.26 18.93 5.40
C CYS A 147 10.05 19.35 4.57
N ALA A 148 8.85 18.86 4.97
CA ALA A 148 7.59 19.10 4.26
C ALA A 148 7.22 20.61 4.37
N TYR A 149 7.40 21.21 5.57
CA TYR A 149 7.16 22.64 5.83
C TYR A 149 8.00 23.49 4.85
N GLN A 150 9.30 23.19 4.70
CA GLN A 150 10.24 23.89 3.81
C GLN A 150 9.86 23.80 2.34
N VAL A 151 9.44 22.60 1.88
CA VAL A 151 9.03 22.44 0.47
C VAL A 151 7.76 23.28 0.25
N ALA A 152 6.81 23.24 1.22
CA ALA A 152 5.56 24.00 1.16
C ALA A 152 5.85 25.50 1.08
N ARG A 153 6.82 25.98 1.87
CA ARG A 153 7.28 27.40 1.89
C ARG A 153 7.86 27.83 0.53
N GLY A 154 8.69 26.98 -0.07
CA GLY A 154 9.24 27.22 -1.39
C GLY A 154 8.16 27.29 -2.45
N MET A 155 7.18 26.36 -2.35
CA MET A 155 6.03 26.30 -3.27
C MET A 155 5.11 27.48 -3.13
N GLU A 156 4.85 27.89 -1.88
CA GLU A 156 4.05 29.07 -1.60
C GLU A 156 4.73 30.32 -2.22
N TYR A 157 6.07 30.42 -2.10
CA TYR A 157 6.79 31.54 -2.70
C TYR A 157 6.63 31.54 -4.23
N LEU A 158 6.87 30.40 -4.90
CA LEU A 158 6.74 30.24 -6.35
C LEU A 158 5.31 30.55 -6.81
N ALA A 159 4.30 30.11 -6.04
CA ALA A 159 2.89 30.37 -6.34
C ALA A 159 2.59 31.87 -6.30
N SER A 160 3.18 32.61 -5.32
CA SER A 160 3.00 34.07 -5.18
C SER A 160 3.67 34.84 -6.35
N LYS A 161 4.65 34.22 -7.00
CA LYS A 161 5.34 34.79 -8.15
C LYS A 161 4.64 34.30 -9.42
N LYS A 162 3.39 33.80 -9.28
CA LYS A 162 2.51 33.33 -10.36
C LYS A 162 3.18 32.22 -11.19
N CYS A 163 3.98 31.42 -10.51
CA CYS A 163 4.73 30.34 -11.11
C CYS A 163 4.11 28.96 -10.77
N ILE A 164 3.87 28.17 -11.82
CA ILE A 164 3.32 26.81 -11.76
C ILE A 164 4.46 25.86 -12.08
N HIS A 165 4.77 25.00 -11.09
CA HIS A 165 5.85 24.03 -11.13
C HIS A 165 5.67 22.95 -12.18
N ARG A 166 4.49 22.24 -12.20
CA ARG A 166 4.11 21.11 -13.09
C ARG A 166 4.84 19.77 -12.83
N ASP A 167 5.95 19.79 -12.04
CA ASP A 167 6.72 18.57 -11.78
C ASP A 167 7.28 18.45 -10.35
N LEU A 168 6.46 18.80 -9.36
CA LEU A 168 6.90 18.70 -7.97
C LEU A 168 6.94 17.24 -7.54
N ALA A 169 8.15 16.76 -7.17
CA ALA A 169 8.46 15.39 -6.74
C ALA A 169 9.71 15.49 -5.89
N ALA A 170 9.97 14.52 -4.98
CA ALA A 170 11.15 14.59 -4.11
C ALA A 170 12.46 14.62 -4.92
N ARG A 171 12.48 14.06 -6.15
CA ARG A 171 13.66 14.08 -7.03
C ARG A 171 13.98 15.50 -7.49
N ASN A 172 12.98 16.40 -7.46
CA ASN A 172 13.13 17.79 -7.89
C ASN A 172 13.35 18.74 -6.74
N VAL A 173 13.69 18.19 -5.58
CA VAL A 173 14.01 18.96 -4.38
C VAL A 173 15.43 18.58 -4.04
N LEU A 174 16.29 19.59 -3.80
CA LEU A 174 17.69 19.40 -3.47
C LEU A 174 17.91 19.79 -2.05
N VAL A 175 18.88 19.13 -1.38
CA VAL A 175 19.18 19.34 0.05
C VAL A 175 20.61 19.90 0.20
N THR A 176 20.77 21.02 0.92
CA THR A 176 22.09 21.64 1.15
C THR A 176 22.82 20.97 2.31
N GLU A 177 24.11 21.33 2.50
CA GLU A 177 24.93 20.84 3.60
C GLU A 177 24.23 21.09 4.95
N ASP A 178 23.48 22.19 5.04
CA ASP A 178 22.76 22.57 6.25
C ASP A 178 21.34 22.08 6.33
N ASN A 179 21.00 21.06 5.51
CA ASN A 179 19.68 20.40 5.48
C ASN A 179 18.53 21.33 5.07
N VAL A 180 18.83 22.34 4.23
CA VAL A 180 17.83 23.26 3.71
C VAL A 180 17.24 22.62 2.45
N MET A 181 15.90 22.54 2.36
CA MET A 181 15.18 22.01 1.20
C MET A 181 15.10 23.11 0.18
N LYS A 182 15.51 22.82 -1.07
CA LYS A 182 15.50 23.76 -2.18
C LYS A 182 14.88 23.13 -3.40
N ILE A 183 13.78 23.72 -3.84
CA ILE A 183 13.05 23.29 -5.03
C ILE A 183 13.83 23.70 -6.27
N ALA A 184 13.97 22.77 -7.20
CA ALA A 184 14.62 22.97 -8.47
C ALA A 184 13.58 22.79 -9.59
N ASP A 185 13.92 23.21 -10.82
CA ASP A 185 13.18 23.05 -12.08
C ASP A 185 11.74 23.56 -12.09
N PHE A 186 11.57 24.82 -11.67
CA PHE A 186 10.28 25.54 -11.61
C PHE A 186 10.03 26.40 -12.83
N TYR A 197 3.40 9.13 -21.38
CA TYR A 197 2.84 8.63 -20.13
C TYR A 197 3.58 7.38 -19.60
N TYR A 198 4.40 6.73 -20.47
CA TYR A 198 5.17 5.52 -20.14
C TYR A 198 6.66 5.74 -19.92
N LYS A 199 7.16 6.99 -20.09
CA LYS A 199 8.57 7.34 -19.91
C LYS A 199 8.99 7.23 -18.44
N LYS A 200 10.13 6.56 -18.17
CA LYS A 200 10.68 6.35 -16.83
C LYS A 200 11.92 7.20 -16.58
N THR A 201 12.12 7.58 -15.31
CA THR A 201 13.27 8.36 -14.83
C THR A 201 14.45 7.40 -14.61
N THR A 202 15.62 7.92 -14.15
CA THR A 202 16.80 7.09 -13.89
C THR A 202 16.52 5.99 -12.84
N ASN A 203 15.61 6.28 -11.88
CA ASN A 203 15.22 5.37 -10.81
C ASN A 203 14.00 4.48 -11.17
N GLY A 204 13.60 4.49 -12.45
CA GLY A 204 12.51 3.68 -12.97
C GLY A 204 11.12 4.03 -12.49
N ARG A 205 10.89 5.32 -12.15
CA ARG A 205 9.58 5.84 -11.70
C ARG A 205 8.89 6.65 -12.77
N LEU A 206 7.57 6.49 -12.85
CA LEU A 206 6.69 7.15 -13.82
C LEU A 206 6.21 8.54 -13.32
N PRO A 207 6.67 9.67 -13.93
CA PRO A 207 6.20 11.03 -13.52
C PRO A 207 4.68 11.26 -13.42
N VAL A 208 3.88 10.46 -14.16
CA VAL A 208 2.43 10.48 -14.14
C VAL A 208 1.88 10.20 -12.74
N LYS A 209 2.68 9.52 -11.89
CA LYS A 209 2.31 9.19 -10.51
C LYS A 209 2.26 10.41 -9.57
N TRP A 210 2.80 11.55 -10.02
CA TRP A 210 2.79 12.82 -9.28
C TRP A 210 1.75 13.79 -9.85
N MET A 211 1.09 13.41 -10.94
CA MET A 211 0.13 14.28 -11.62
C MET A 211 -1.32 14.19 -11.16
N ALA A 212 -1.95 15.36 -10.99
CA ALA A 212 -3.39 15.48 -10.68
C ALA A 212 -4.20 14.90 -11.87
N PRO A 213 -5.40 14.33 -11.64
CA PRO A 213 -6.18 13.78 -12.77
C PRO A 213 -6.45 14.78 -13.87
N GLU A 214 -6.72 16.04 -13.54
CA GLU A 214 -7.01 17.08 -14.54
C GLU A 214 -5.77 17.44 -15.38
N ALA A 215 -4.56 17.31 -14.80
CA ALA A 215 -3.30 17.55 -15.50
C ALA A 215 -2.98 16.31 -16.37
N LEU A 216 -3.31 15.13 -15.86
CA LEU A 216 -3.09 13.82 -16.47
C LEU A 216 -3.98 13.62 -17.68
N PHE A 217 -5.28 13.88 -17.52
CA PHE A 217 -6.28 13.69 -18.55
C PHE A 217 -6.56 14.89 -19.47
N ASP A 218 -6.61 16.10 -18.90
CA ASP A 218 -6.96 17.30 -19.67
C ASP A 218 -5.81 18.26 -19.95
N ARG A 219 -4.61 17.95 -19.45
CA ARG A 219 -3.39 18.77 -19.55
C ARG A 219 -3.57 20.19 -18.95
N ILE A 220 -4.41 20.27 -17.89
CA ILE A 220 -4.72 21.50 -17.16
C ILE A 220 -3.78 21.55 -15.96
N TYR A 221 -2.83 22.51 -15.96
CA TYR A 221 -1.86 22.70 -14.89
C TYR A 221 -2.15 24.02 -14.18
N THR A 222 -2.39 23.93 -12.85
CA THR A 222 -2.70 25.07 -11.98
C THR A 222 -1.90 24.92 -10.71
N HIS A 223 -2.05 25.87 -9.77
CA HIS A 223 -1.43 25.79 -8.44
C HIS A 223 -2.07 24.60 -7.71
N GLN A 224 -3.37 24.37 -7.94
CA GLN A 224 -4.13 23.24 -7.37
C GLN A 224 -3.65 21.88 -7.86
N SER A 225 -3.12 21.78 -9.09
CA SER A 225 -2.57 20.53 -9.59
C SER A 225 -1.17 20.29 -8.95
N ASP A 226 -0.45 21.37 -8.61
CA ASP A 226 0.84 21.33 -7.91
C ASP A 226 0.61 20.92 -6.45
N VAL A 227 -0.56 21.26 -5.87
CA VAL A 227 -0.96 20.89 -4.51
C VAL A 227 -1.13 19.37 -4.50
N TRP A 228 -1.78 18.78 -5.53
CA TRP A 228 -1.93 17.33 -5.68
C TRP A 228 -0.53 16.68 -5.62
N SER A 229 0.44 17.20 -6.42
CA SER A 229 1.83 16.72 -6.49
C SER A 229 2.51 16.82 -5.12
N PHE A 230 2.22 17.89 -4.38
CA PHE A 230 2.77 18.09 -3.02
C PHE A 230 2.30 16.96 -2.08
N GLY A 231 1.05 16.51 -2.25
CA GLY A 231 0.48 15.40 -1.49
C GLY A 231 1.24 14.11 -1.72
N VAL A 232 1.64 13.87 -2.99
CA VAL A 232 2.45 12.73 -3.40
C VAL A 232 3.83 12.85 -2.79
N LEU A 233 4.40 14.07 -2.83
CA LEU A 233 5.70 14.38 -2.21
C LEU A 233 5.66 14.12 -0.69
N LEU A 234 4.55 14.49 0.01
CA LEU A 234 4.36 14.19 1.45
C LEU A 234 4.46 12.70 1.71
N TRP A 235 3.82 11.90 0.86
CA TRP A 235 3.85 10.43 0.94
C TRP A 235 5.28 9.93 0.75
N GLU A 236 6.04 10.54 -0.16
CA GLU A 236 7.47 10.18 -0.37
C GLU A 236 8.27 10.50 0.86
N ILE A 237 8.01 11.63 1.54
CA ILE A 237 8.76 11.98 2.76
C ILE A 237 8.46 10.96 3.84
N PHE A 238 7.17 10.68 4.09
CA PHE A 238 6.78 9.77 5.15
C PHE A 238 7.07 8.29 4.94
N THR A 239 7.41 7.89 3.69
CA THR A 239 7.84 6.53 3.37
C THR A 239 9.36 6.54 3.20
N LEU A 240 10.00 7.68 3.53
CA LEU A 240 11.46 7.90 3.41
C LEU A 240 12.01 7.59 2.01
N GLY A 241 11.36 8.15 0.99
CA GLY A 241 11.74 7.97 -0.40
C GLY A 241 11.12 6.77 -1.07
N GLY A 242 9.91 6.43 -0.63
CA GLY A 242 9.17 5.33 -1.21
C GLY A 242 8.69 5.66 -2.62
N SER A 243 8.45 4.63 -3.42
CA SER A 243 7.99 4.74 -4.80
C SER A 243 6.44 4.76 -4.81
N PRO A 244 5.82 5.85 -5.33
CA PRO A 244 4.36 5.93 -5.35
C PRO A 244 3.71 4.81 -6.14
N TYR A 245 2.52 4.34 -5.69
CA TYR A 245 1.68 3.29 -6.29
C TYR A 245 2.53 2.08 -6.71
N PRO A 246 3.26 1.43 -5.77
CA PRO A 246 4.13 0.31 -6.16
C PRO A 246 3.38 -0.84 -6.81
N GLY A 247 3.90 -1.32 -7.94
CA GLY A 247 3.30 -2.38 -8.73
C GLY A 247 2.08 -1.99 -9.53
N VAL A 248 1.73 -0.68 -9.56
CA VAL A 248 0.59 -0.21 -10.32
C VAL A 248 1.04 0.31 -11.71
N PRO A 249 0.61 -0.34 -12.83
CA PRO A 249 0.96 0.16 -14.16
C PRO A 249 0.18 1.44 -14.48
N VAL A 250 0.70 2.25 -15.44
CA VAL A 250 0.12 3.52 -15.93
C VAL A 250 -1.41 3.43 -16.14
N GLU A 251 -1.87 2.46 -16.96
CA GLU A 251 -3.30 2.23 -17.28
C GLU A 251 -4.16 1.94 -16.05
N GLU A 252 -3.63 1.19 -15.08
CA GLU A 252 -4.33 0.87 -13.83
C GLU A 252 -4.41 2.08 -12.90
N LEU A 253 -3.41 3.00 -12.95
CA LEU A 253 -3.40 4.24 -12.15
C LEU A 253 -4.56 5.13 -12.59
N PHE A 254 -4.79 5.21 -13.92
CA PHE A 254 -5.87 6.00 -14.54
C PHE A 254 -7.21 5.55 -13.98
N LYS A 255 -7.40 4.22 -13.96
CA LYS A 255 -8.57 3.52 -13.45
C LYS A 255 -8.80 3.94 -12.01
N LEU A 256 -7.82 3.61 -11.11
CA LEU A 256 -7.85 3.87 -9.68
C LEU A 256 -8.19 5.32 -9.36
N LEU A 257 -7.59 6.28 -10.05
CA LEU A 257 -7.85 7.69 -9.79
C LEU A 257 -9.28 8.05 -10.12
N LYS A 258 -9.73 7.72 -11.34
CA LYS A 258 -11.11 7.92 -11.81
C LYS A 258 -12.13 7.38 -10.80
N GLU A 259 -11.90 6.17 -10.27
CA GLU A 259 -12.81 5.58 -9.28
C GLU A 259 -12.58 6.04 -7.83
N GLY A 260 -11.76 7.08 -7.64
CA GLY A 260 -11.52 7.70 -6.34
C GLY A 260 -10.56 6.99 -5.39
N HIS A 261 -9.74 6.08 -5.91
CA HIS A 261 -8.77 5.38 -5.09
C HIS A 261 -7.54 6.24 -4.87
N ARG A 262 -6.98 6.13 -3.68
CA ARG A 262 -5.85 6.90 -3.22
C ARG A 262 -4.81 5.97 -2.56
N MET A 263 -3.56 6.45 -2.43
CA MET A 263 -2.48 5.71 -1.79
C MET A 263 -2.81 5.53 -0.33
N ASP A 264 -2.30 4.44 0.25
CA ASP A 264 -2.45 4.09 1.66
C ASP A 264 -1.66 5.04 2.50
N LYS A 265 -2.01 5.13 3.75
CA LYS A 265 -1.24 5.95 4.64
C LYS A 265 0.13 5.26 4.79
N PRO A 266 1.28 6.00 4.71
CA PRO A 266 2.58 5.35 4.98
C PRO A 266 2.56 4.75 6.39
N SER A 267 3.26 3.62 6.59
CA SER A 267 3.35 2.89 7.86
C SER A 267 3.62 3.83 9.07
N ASN A 268 4.58 4.77 8.93
CA ASN A 268 4.97 5.76 9.94
C ASN A 268 4.45 7.10 9.49
N CYS A 269 3.20 7.40 9.85
CA CYS A 269 2.53 8.65 9.51
C CYS A 269 1.33 8.83 10.39
N THR A 270 1.19 10.02 11.00
CA THR A 270 0.02 10.35 11.85
C THR A 270 -1.22 10.45 10.95
N ASN A 271 -2.41 10.29 11.54
CA ASN A 271 -3.69 10.42 10.82
C ASN A 271 -3.86 11.85 10.29
N GLU A 272 -3.39 12.84 11.09
CA GLU A 272 -3.42 14.26 10.73
C GLU A 272 -2.64 14.53 9.44
N LEU A 273 -1.41 13.95 9.32
CA LEU A 273 -0.59 14.14 8.13
C LEU A 273 -1.14 13.38 6.93
N TYR A 274 -1.83 12.25 7.18
CA TYR A 274 -2.47 11.47 6.13
C TYR A 274 -3.71 12.23 5.61
N MET A 275 -4.45 12.87 6.52
CA MET A 275 -5.61 13.68 6.18
C MET A 275 -5.16 14.84 5.28
N MET A 276 -3.99 15.43 5.56
CA MET A 276 -3.39 16.50 4.75
C MET A 276 -3.11 15.97 3.32
N MET A 277 -2.44 14.81 3.19
CA MET A 277 -2.18 14.18 1.89
C MET A 277 -3.49 14.01 1.14
N ARG A 278 -4.49 13.38 1.79
CA ARG A 278 -5.83 13.11 1.23
C ARG A 278 -6.51 14.37 0.75
N ASP A 279 -6.38 15.46 1.53
CA ASP A 279 -6.92 16.78 1.18
C ASP A 279 -6.28 17.32 -0.10
N CYS A 280 -4.94 17.15 -0.21
CA CYS A 280 -4.14 17.51 -1.42
C CYS A 280 -4.64 16.70 -2.62
N TRP A 281 -5.11 15.46 -2.37
CA TRP A 281 -5.63 14.58 -3.39
C TRP A 281 -7.16 14.66 -3.60
N HIS A 282 -7.81 15.81 -3.25
CA HIS A 282 -9.22 16.01 -3.51
C HIS A 282 -9.49 16.00 -5.02
N ALA A 283 -10.53 15.24 -5.45
CA ALA A 283 -10.95 15.13 -6.85
C ALA A 283 -11.26 16.52 -7.47
N VAL A 284 -11.98 17.36 -6.70
CA VAL A 284 -12.32 18.73 -7.11
C VAL A 284 -11.17 19.61 -6.74
N PRO A 285 -10.44 20.19 -7.74
CA PRO A 285 -9.26 21.03 -7.42
C PRO A 285 -9.52 22.22 -6.50
N SER A 286 -10.73 22.79 -6.55
CA SER A 286 -11.12 23.93 -5.73
C SER A 286 -11.20 23.57 -4.23
N GLN A 287 -11.23 22.27 -3.89
CA GLN A 287 -11.36 21.79 -2.49
C GLN A 287 -10.05 21.41 -1.84
N ARG A 288 -8.97 21.41 -2.63
CA ARG A 288 -7.63 21.14 -2.15
C ARG A 288 -7.18 22.31 -1.31
N PRO A 289 -6.34 22.11 -0.25
CA PRO A 289 -5.80 23.29 0.45
C PRO A 289 -4.89 24.09 -0.49
N THR A 290 -4.65 25.36 -0.17
CA THR A 290 -3.72 26.16 -0.95
C THR A 290 -2.33 25.93 -0.31
N PHE A 291 -1.25 26.37 -0.97
CA PHE A 291 0.10 26.31 -0.39
C PHE A 291 0.24 27.20 0.86
N LYS A 292 -0.47 28.35 0.89
CA LYS A 292 -0.55 29.23 2.05
C LYS A 292 -1.11 28.46 3.27
N GLN A 293 -2.23 27.70 3.08
CA GLN A 293 -2.84 26.91 4.16
C GLN A 293 -1.92 25.76 4.57
N LEU A 294 -1.27 25.11 3.60
CA LEU A 294 -0.35 24.00 3.90
C LEU A 294 0.81 24.48 4.74
N VAL A 295 1.36 25.67 4.43
CA VAL A 295 2.46 26.31 5.17
C VAL A 295 2.06 26.54 6.64
N GLU A 296 0.89 27.17 6.89
CA GLU A 296 0.36 27.44 8.24
C GLU A 296 0.14 26.15 9.01
N ASP A 297 -0.53 25.13 8.39
CA ASP A 297 -0.78 23.85 9.06
C ASP A 297 0.54 23.16 9.40
N LEU A 298 1.48 23.09 8.44
CA LEU A 298 2.80 22.48 8.66
C LEU A 298 3.65 23.18 9.72
N ASP A 299 3.55 24.52 9.79
CA ASP A 299 4.26 25.33 10.79
C ASP A 299 3.79 24.91 12.19
N ARG A 300 2.47 24.79 12.37
CA ARG A 300 1.81 24.39 13.62
C ARG A 300 2.17 22.93 13.96
N ILE A 301 2.10 22.01 12.97
CA ILE A 301 2.44 20.59 13.15
C ILE A 301 3.93 20.40 13.57
N VAL A 302 4.87 21.11 12.92
CA VAL A 302 6.31 21.09 13.25
C VAL A 302 6.52 21.40 14.74
N ALA A 303 5.89 22.47 15.26
CA ALA A 303 6.02 22.88 16.66
C ALA A 303 5.44 21.86 17.64
N LEU A 304 4.46 21.07 17.21
CA LEU A 304 3.82 20.06 18.05
C LEU A 304 4.49 18.68 17.94
N THR A 305 5.26 18.43 16.87
CA THR A 305 5.92 17.15 16.62
C THR A 305 7.19 17.03 17.44
N SER A 306 7.41 15.83 18.01
CA SER A 306 8.59 15.51 18.84
C SER A 306 9.80 15.14 17.98
N ASN A 307 10.98 15.48 18.46
CA ASN A 307 12.27 15.12 17.84
C ASN A 307 12.88 13.94 18.62
N GLN A 308 12.10 13.37 19.57
CA GLN A 308 12.54 12.26 20.42
C GLN A 308 12.45 10.87 19.76
N GLU A 309 11.80 10.79 18.57
CA GLU A 309 11.70 9.59 17.73
C GLU A 309 11.35 9.89 16.28
N VAL B 4 -22.46 -46.83 -7.90
CA VAL B 4 -21.90 -46.28 -6.67
C VAL B 4 -21.00 -45.04 -6.91
N SER B 5 -21.41 -43.84 -6.48
CA SER B 5 -22.68 -43.55 -5.78
C SER B 5 -23.76 -43.02 -6.74
N GLU B 6 -23.91 -43.68 -7.92
CA GLU B 6 -24.88 -43.31 -8.97
C GLU B 6 -26.32 -43.50 -8.53
N TYR B 7 -26.62 -44.61 -7.84
CA TYR B 7 -27.99 -44.90 -7.38
C TYR B 7 -28.16 -44.76 -5.91
N GLU B 8 -27.06 -44.88 -5.16
CA GLU B 8 -27.07 -44.77 -3.70
C GLU B 8 -25.69 -44.55 -3.10
N LEU B 9 -25.69 -43.86 -1.98
CA LEU B 9 -24.52 -43.58 -1.17
C LEU B 9 -24.49 -44.61 -0.02
N PRO B 10 -23.29 -44.96 0.52
CA PRO B 10 -23.28 -45.88 1.67
C PRO B 10 -23.76 -45.18 2.93
N GLU B 11 -24.41 -45.90 3.85
CA GLU B 11 -24.84 -45.23 5.08
C GLU B 11 -23.66 -44.99 6.07
N ASP B 12 -23.95 -44.21 7.12
CA ASP B 12 -23.12 -43.87 8.25
C ASP B 12 -24.11 -43.47 9.35
N PRO B 13 -24.56 -44.44 10.18
CA PRO B 13 -25.55 -44.14 11.24
C PRO B 13 -25.06 -43.16 12.30
N ARG B 14 -23.74 -42.92 12.42
CA ARG B 14 -23.17 -41.95 13.36
C ARG B 14 -23.68 -40.52 13.06
N TRP B 15 -23.85 -40.19 11.77
CA TRP B 15 -24.17 -38.86 11.26
C TRP B 15 -25.53 -38.71 10.60
N GLU B 16 -26.19 -39.83 10.24
CA GLU B 16 -27.49 -39.81 9.56
C GLU B 16 -28.63 -39.18 10.35
N LEU B 17 -29.37 -38.25 9.69
CA LEU B 17 -30.53 -37.60 10.27
C LEU B 17 -31.75 -37.90 9.38
N PRO B 18 -32.89 -38.42 9.93
CA PRO B 18 -34.07 -38.63 9.08
C PRO B 18 -34.48 -37.32 8.42
N ARG B 19 -34.85 -37.37 7.13
CA ARG B 19 -35.23 -36.17 6.38
C ARG B 19 -36.41 -35.39 7.00
N ASP B 20 -37.30 -36.06 7.78
CA ASP B 20 -38.45 -35.40 8.42
C ASP B 20 -38.06 -34.47 9.58
N ARG B 21 -36.83 -34.60 10.05
CA ARG B 21 -36.28 -33.80 11.14
C ARG B 21 -35.52 -32.57 10.62
N LEU B 22 -35.68 -32.26 9.30
CA LEU B 22 -35.00 -31.14 8.64
C LEU B 22 -35.99 -30.38 7.75
N VAL B 23 -36.20 -29.11 8.10
CA VAL B 23 -37.10 -28.21 7.38
C VAL B 23 -36.22 -27.21 6.66
N LEU B 24 -36.09 -27.37 5.34
CA LEU B 24 -35.27 -26.49 4.52
C LEU B 24 -35.89 -25.09 4.38
N GLY B 25 -35.06 -24.07 4.53
CA GLY B 25 -35.49 -22.68 4.47
C GLY B 25 -34.87 -21.90 3.34
N LYS B 26 -34.60 -20.61 3.59
CA LYS B 26 -34.05 -19.65 2.62
C LYS B 26 -32.63 -19.99 2.14
N PRO B 27 -32.32 -19.74 0.85
CA PRO B 27 -30.95 -19.95 0.38
C PRO B 27 -30.01 -18.93 1.05
N LEU B 28 -28.78 -19.35 1.42
CA LEU B 28 -27.80 -18.45 2.06
C LEU B 28 -26.81 -17.93 1.06
N GLY B 29 -26.43 -18.79 0.13
CA GLY B 29 -25.50 -18.47 -0.94
C GLY B 29 -24.78 -19.69 -1.47
N GLU B 30 -23.91 -19.48 -2.44
CA GLU B 30 -23.10 -20.56 -3.01
C GLU B 30 -21.89 -20.78 -2.09
N GLY B 31 -21.45 -22.02 -2.04
CA GLY B 31 -20.28 -22.46 -1.30
C GLY B 31 -19.47 -23.40 -2.17
N ALA B 32 -18.34 -23.90 -1.67
CA ALA B 32 -17.54 -24.86 -2.44
C ALA B 32 -18.36 -26.14 -2.64
N PHE B 33 -18.38 -26.66 -3.87
CA PHE B 33 -19.05 -27.91 -4.26
C PHE B 33 -20.59 -27.92 -4.39
N GLY B 34 -21.24 -26.81 -4.06
CA GLY B 34 -22.70 -26.70 -4.20
C GLY B 34 -23.32 -25.43 -3.67
N GLN B 35 -24.56 -25.55 -3.21
CA GLN B 35 -25.35 -24.44 -2.70
C GLN B 35 -25.61 -24.64 -1.18
N VAL B 36 -25.70 -23.54 -0.45
CA VAL B 36 -25.95 -23.54 0.99
C VAL B 36 -27.29 -22.87 1.29
N VAL B 37 -28.14 -23.57 2.06
CA VAL B 37 -29.45 -23.06 2.49
C VAL B 37 -29.55 -23.06 4.01
N LEU B 38 -30.37 -22.16 4.56
CA LEU B 38 -30.66 -22.11 5.99
C LEU B 38 -31.71 -23.20 6.24
N ALA B 39 -31.69 -23.85 7.42
CA ALA B 39 -32.66 -24.90 7.75
C ALA B 39 -32.87 -25.01 9.24
N GLU B 40 -33.91 -25.72 9.66
CA GLU B 40 -34.22 -25.99 11.07
C GLU B 40 -34.14 -27.50 11.22
N ALA B 41 -33.41 -27.99 12.23
CA ALA B 41 -33.25 -29.43 12.48
C ALA B 41 -33.72 -29.79 13.89
N ILE B 42 -34.43 -30.93 14.03
CA ILE B 42 -34.91 -31.40 15.32
C ILE B 42 -33.96 -32.46 15.94
N GLY B 43 -33.33 -32.07 17.04
CA GLY B 43 -32.44 -32.91 17.84
C GLY B 43 -31.27 -33.52 17.13
N LEU B 44 -30.20 -32.72 16.93
CA LEU B 44 -28.99 -33.16 16.25
C LEU B 44 -28.09 -34.03 17.13
N ASP B 45 -27.82 -33.55 18.37
CA ASP B 45 -26.99 -34.23 19.37
C ASP B 45 -27.72 -34.31 20.71
N PRO B 49 -32.70 -33.01 21.84
CA PRO B 49 -33.45 -34.16 21.31
C PRO B 49 -34.81 -33.72 20.77
N ASN B 50 -35.49 -32.84 21.55
CA ASN B 50 -36.75 -32.16 21.22
C ASN B 50 -36.45 -30.67 20.90
N ARG B 51 -35.17 -30.26 20.95
CA ARG B 51 -34.75 -28.89 20.65
C ARG B 51 -34.50 -28.68 19.15
N VAL B 52 -34.93 -27.52 18.62
CA VAL B 52 -34.69 -27.13 17.22
C VAL B 52 -33.48 -26.23 17.14
N THR B 53 -32.68 -26.47 16.11
CA THR B 53 -31.48 -25.70 15.89
C THR B 53 -31.53 -25.17 14.48
N LYS B 54 -31.19 -23.88 14.30
CA LYS B 54 -31.01 -23.29 12.98
C LYS B 54 -29.64 -23.83 12.53
N VAL B 55 -29.58 -24.42 11.32
CA VAL B 55 -28.38 -25.04 10.74
C VAL B 55 -28.19 -24.58 9.29
N ALA B 56 -26.99 -24.81 8.72
CA ALA B 56 -26.71 -24.55 7.31
C ALA B 56 -26.66 -25.91 6.63
N VAL B 57 -27.20 -26.00 5.42
CA VAL B 57 -27.22 -27.25 4.68
C VAL B 57 -26.58 -27.04 3.31
N LYS B 58 -25.52 -27.80 3.03
CA LYS B 58 -24.87 -27.77 1.72
C LYS B 58 -25.41 -28.93 0.92
N MET B 59 -25.73 -28.65 -0.33
CA MET B 59 -26.26 -29.64 -1.27
C MET B 59 -25.76 -29.30 -2.62
N LEU B 60 -25.80 -30.25 -3.56
CA LEU B 60 -25.40 -30.02 -4.95
C LEU B 60 -26.43 -29.13 -5.65
N LYS B 61 -25.98 -28.40 -6.68
CA LYS B 61 -26.83 -27.59 -7.54
C LYS B 61 -27.48 -28.57 -8.52
N SER B 62 -28.68 -28.24 -9.07
CA SER B 62 -29.40 -29.13 -9.99
C SER B 62 -28.62 -29.50 -11.27
N ASP B 63 -27.55 -28.73 -11.56
CA ASP B 63 -26.69 -28.90 -12.73
C ASP B 63 -25.35 -29.58 -12.39
N ALA B 64 -25.28 -30.24 -11.22
CA ALA B 64 -24.08 -30.95 -10.76
C ALA B 64 -23.90 -32.30 -11.47
N THR B 65 -22.64 -32.77 -11.54
CA THR B 65 -22.28 -34.03 -12.19
C THR B 65 -21.80 -35.00 -11.13
N GLU B 66 -21.39 -36.22 -11.54
CA GLU B 66 -20.86 -37.23 -10.63
C GLU B 66 -19.60 -36.71 -9.91
N LYS B 67 -18.75 -35.96 -10.65
CA LYS B 67 -17.55 -35.35 -10.11
C LYS B 67 -17.91 -34.46 -8.94
N ASP B 68 -18.87 -33.52 -9.11
CA ASP B 68 -19.34 -32.60 -8.05
C ASP B 68 -19.85 -33.36 -6.83
N LEU B 69 -20.60 -34.43 -7.06
CA LEU B 69 -21.07 -35.29 -5.98
C LEU B 69 -19.89 -35.90 -5.18
N SER B 70 -18.90 -36.51 -5.87
CA SER B 70 -17.73 -37.10 -5.18
C SER B 70 -16.93 -36.06 -4.37
N ASP B 71 -16.89 -34.79 -4.83
CA ASP B 71 -16.23 -33.68 -4.12
C ASP B 71 -16.99 -33.32 -2.84
N LEU B 72 -18.35 -33.35 -2.90
CA LEU B 72 -19.21 -33.04 -1.77
C LEU B 72 -19.09 -34.13 -0.71
N ILE B 73 -19.10 -35.41 -1.15
CA ILE B 73 -18.93 -36.56 -0.24
C ILE B 73 -17.56 -36.47 0.46
N SER B 74 -16.47 -36.23 -0.31
CA SER B 74 -15.13 -36.12 0.29
C SER B 74 -15.02 -34.98 1.30
N GLU B 75 -15.69 -33.84 1.06
CA GLU B 75 -15.69 -32.74 2.03
C GLU B 75 -16.40 -33.18 3.33
N MET B 76 -17.51 -33.92 3.20
CA MET B 76 -18.28 -34.45 4.33
C MET B 76 -17.41 -35.46 5.10
N GLU B 77 -16.74 -36.39 4.39
CA GLU B 77 -15.86 -37.40 4.97
C GLU B 77 -14.70 -36.81 5.73
N MET B 78 -14.11 -35.74 5.17
CA MET B 78 -13.00 -35.01 5.78
C MET B 78 -13.47 -34.32 7.08
N MET B 79 -14.66 -33.69 7.06
CA MET B 79 -15.25 -33.06 8.25
C MET B 79 -15.54 -34.06 9.39
N LYS B 80 -15.90 -35.32 9.07
CA LYS B 80 -16.10 -36.38 10.07
C LYS B 80 -14.77 -36.70 10.75
N MET B 81 -13.65 -36.66 9.97
CA MET B 81 -12.27 -36.99 10.37
C MET B 81 -11.58 -35.90 11.18
N ILE B 82 -11.92 -34.63 10.92
CA ILE B 82 -11.34 -33.47 11.56
C ILE B 82 -11.71 -33.33 13.03
N GLY B 83 -12.93 -33.66 13.43
CA GLY B 83 -13.34 -33.53 14.82
C GLY B 83 -13.77 -32.12 15.17
N LYS B 84 -14.36 -31.97 16.35
CA LYS B 84 -14.88 -30.69 16.81
C LYS B 84 -13.88 -29.66 17.30
N HIS B 85 -14.16 -28.40 16.93
CA HIS B 85 -13.48 -27.21 17.40
C HIS B 85 -14.44 -26.02 17.31
N LYS B 86 -14.41 -25.16 18.33
CA LYS B 86 -15.21 -23.93 18.47
C LYS B 86 -15.02 -22.98 17.26
N ASN B 87 -13.80 -22.91 16.74
CA ASN B 87 -13.36 -22.00 15.68
C ASN B 87 -13.31 -22.50 14.27
N ILE B 88 -14.06 -23.59 14.01
CA ILE B 88 -14.25 -24.14 12.67
C ILE B 88 -15.73 -24.37 12.51
N ILE B 89 -16.22 -24.39 11.26
CA ILE B 89 -17.61 -24.75 10.97
C ILE B 89 -17.66 -26.28 11.17
N ASN B 90 -18.44 -26.73 12.18
CA ASN B 90 -18.53 -28.14 12.49
C ASN B 90 -19.64 -28.90 11.79
N LEU B 91 -19.38 -30.17 11.41
CA LEU B 91 -20.37 -31.08 10.85
C LEU B 91 -21.38 -31.45 11.97
N LEU B 92 -22.66 -31.42 11.64
CA LEU B 92 -23.71 -31.75 12.61
C LEU B 92 -24.50 -32.98 12.20
N GLY B 93 -24.52 -33.26 10.91
CA GLY B 93 -25.28 -34.40 10.40
C GLY B 93 -25.34 -34.46 8.91
N ALA B 94 -26.05 -35.47 8.38
CA ALA B 94 -26.20 -35.69 6.95
C ALA B 94 -27.43 -36.51 6.61
N CYS B 95 -28.03 -36.22 5.43
CA CYS B 95 -29.14 -36.98 4.86
C CYS B 95 -28.49 -37.52 3.59
N THR B 96 -28.15 -38.80 3.57
CA THR B 96 -27.41 -39.44 2.48
C THR B 96 -28.22 -40.48 1.72
N GLN B 97 -29.28 -40.99 2.34
CA GLN B 97 -30.14 -42.04 1.80
C GLN B 97 -31.44 -41.49 1.27
N ASP B 98 -31.93 -42.10 0.17
CA ASP B 98 -33.20 -41.81 -0.49
C ASP B 98 -33.46 -40.35 -0.80
N GLY B 99 -32.58 -39.76 -1.60
CA GLY B 99 -32.72 -38.37 -2.01
C GLY B 99 -31.42 -37.63 -2.12
N PRO B 100 -31.46 -36.31 -2.40
CA PRO B 100 -30.20 -35.55 -2.52
C PRO B 100 -29.40 -35.56 -1.23
N LEU B 101 -28.08 -35.49 -1.38
CA LEU B 101 -27.16 -35.41 -0.26
C LEU B 101 -27.24 -34.02 0.40
N TYR B 102 -27.49 -34.02 1.72
CA TYR B 102 -27.56 -32.80 2.53
C TYR B 102 -26.45 -32.89 3.55
N VAL B 103 -25.46 -31.98 3.48
CA VAL B 103 -24.35 -31.95 4.45
C VAL B 103 -24.74 -30.84 5.44
N ILE B 104 -25.17 -31.22 6.65
CA ILE B 104 -25.69 -30.34 7.71
C ILE B 104 -24.57 -29.88 8.64
N VAL B 105 -24.38 -28.57 8.73
CA VAL B 105 -23.29 -27.97 9.51
C VAL B 105 -23.79 -26.77 10.33
N GLU B 106 -22.90 -26.19 11.13
CA GLU B 106 -23.23 -25.02 11.94
C GLU B 106 -23.63 -23.80 11.14
N TYR B 107 -24.59 -23.04 11.65
CA TYR B 107 -25.05 -21.82 10.99
C TYR B 107 -24.35 -20.60 11.62
N ALA B 108 -23.70 -19.79 10.75
CA ALA B 108 -22.99 -18.56 11.13
C ALA B 108 -23.78 -17.42 10.56
N SER B 109 -24.69 -16.87 11.37
CA SER B 109 -25.65 -15.83 10.96
C SER B 109 -25.10 -14.52 10.46
N LYS B 110 -23.89 -14.13 10.89
CA LYS B 110 -23.34 -12.82 10.50
C LYS B 110 -22.49 -12.79 9.23
N GLY B 111 -22.48 -13.91 8.51
CA GLY B 111 -21.79 -14.05 7.24
C GLY B 111 -20.28 -14.12 7.33
N ASN B 112 -19.61 -13.90 6.19
CA ASN B 112 -18.16 -13.95 6.15
C ASN B 112 -17.48 -12.79 6.89
N LEU B 113 -16.25 -13.01 7.35
CA LEU B 113 -15.52 -12.01 8.14
C LEU B 113 -15.23 -10.71 7.38
N ARG B 114 -14.91 -10.78 6.06
CA ARG B 114 -14.65 -9.59 5.24
C ARG B 114 -15.86 -8.65 5.28
N GLU B 115 -17.05 -9.20 4.96
CA GLU B 115 -18.34 -8.46 4.98
C GLU B 115 -18.72 -7.99 6.38
N TYR B 116 -18.38 -8.77 7.41
CA TYR B 116 -18.67 -8.44 8.81
C TYR B 116 -17.86 -7.22 9.25
N LEU B 117 -16.58 -7.16 8.88
CA LEU B 117 -15.68 -6.06 9.23
C LEU B 117 -16.04 -4.79 8.49
N GLN B 118 -16.41 -4.91 7.19
CA GLN B 118 -16.77 -3.74 6.36
C GLN B 118 -18.03 -3.07 6.85
N ALA B 119 -19.04 -3.87 7.26
CA ALA B 119 -20.31 -3.33 7.77
C ALA B 119 -20.13 -2.60 9.11
N ARG B 120 -18.98 -2.82 9.79
CA ARG B 120 -18.64 -2.24 11.09
C ARG B 120 -17.62 -1.11 11.05
N ARG B 121 -17.31 -0.63 9.84
CA ARG B 121 -16.41 0.49 9.63
C ARG B 121 -17.08 1.79 10.09
N PRO B 122 -16.30 2.75 10.69
CA PRO B 122 -16.89 4.05 11.06
C PRO B 122 -17.49 4.74 9.85
N GLN B 138 -17.72 0.27 15.31
CA GLN B 138 -18.54 -0.70 16.02
C GLN B 138 -17.71 -1.91 16.56
N LEU B 139 -16.38 -1.92 16.25
CA LEU B 139 -15.46 -2.97 16.73
C LEU B 139 -14.27 -2.34 17.49
N SER B 140 -14.11 -2.68 18.78
CA SER B 140 -13.00 -2.19 19.61
C SER B 140 -11.69 -2.87 19.18
N SER B 141 -10.55 -2.34 19.64
CA SER B 141 -9.24 -2.92 19.39
C SER B 141 -9.19 -4.34 19.93
N LYS B 142 -9.82 -4.59 21.11
CA LYS B 142 -9.88 -5.90 21.73
C LYS B 142 -10.68 -6.88 20.85
N ASP B 143 -11.83 -6.43 20.27
CA ASP B 143 -12.66 -7.25 19.38
C ASP B 143 -11.84 -7.72 18.20
N LEU B 144 -11.02 -6.83 17.62
CA LEU B 144 -10.19 -7.13 16.46
C LEU B 144 -9.10 -8.14 16.76
N VAL B 145 -8.41 -7.99 17.90
CA VAL B 145 -7.39 -8.95 18.34
C VAL B 145 -8.03 -10.34 18.69
N SER B 146 -9.26 -10.35 19.29
CA SER B 146 -10.01 -11.58 19.63
C SER B 146 -10.42 -12.31 18.36
N CYS B 147 -10.78 -11.53 17.32
CA CYS B 147 -11.12 -12.09 16.03
CA CYS B 147 -11.11 -12.11 16.01
C CYS B 147 -9.86 -12.84 15.48
N ALA B 148 -8.67 -12.22 15.58
CA ALA B 148 -7.40 -12.79 15.11
C ALA B 148 -6.98 -14.01 15.93
N TYR B 149 -7.16 -13.93 17.28
CA TYR B 149 -6.89 -15.04 18.19
C TYR B 149 -7.71 -16.28 17.81
N GLN B 150 -9.01 -16.07 17.57
CA GLN B 150 -9.96 -17.11 17.21
C GLN B 150 -9.63 -17.81 15.88
N VAL B 151 -9.26 -17.04 14.85
CA VAL B 151 -8.87 -17.60 13.57
C VAL B 151 -7.60 -18.41 13.76
N ALA B 152 -6.62 -17.89 14.55
CA ALA B 152 -5.35 -18.57 14.81
C ALA B 152 -5.61 -19.91 15.53
N ARG B 153 -6.55 -19.92 16.49
CA ARG B 153 -6.94 -21.12 17.24
C ARG B 153 -7.56 -22.19 16.33
N GLY B 154 -8.45 -21.76 15.43
CA GLY B 154 -9.06 -22.64 14.46
C GLY B 154 -8.01 -23.22 13.52
N MET B 155 -7.05 -22.36 13.07
CA MET B 155 -5.94 -22.78 12.19
C MET B 155 -4.99 -23.74 12.87
N GLU B 156 -4.64 -23.46 14.13
CA GLU B 156 -3.79 -24.34 14.93
C GLU B 156 -4.46 -25.73 15.02
N TYR B 157 -5.80 -25.75 15.26
CA TYR B 157 -6.51 -27.02 15.36
C TYR B 157 -6.47 -27.80 14.05
N LEU B 158 -6.80 -27.13 12.92
CA LEU B 158 -6.78 -27.72 11.57
C LEU B 158 -5.38 -28.21 11.21
N ALA B 159 -4.33 -27.46 11.57
CA ALA B 159 -2.95 -27.87 11.33
C ALA B 159 -2.59 -29.16 12.09
N SER B 160 -3.06 -29.30 13.34
CA SER B 160 -2.81 -30.50 14.16
C SER B 160 -3.54 -31.73 13.58
N LYS B 161 -4.62 -31.51 12.81
CA LYS B 161 -5.40 -32.55 12.16
C LYS B 161 -4.87 -32.74 10.73
N LYS B 162 -3.61 -32.31 10.50
CA LYS B 162 -2.85 -32.46 9.25
C LYS B 162 -3.58 -31.87 8.05
N CYS B 163 -4.29 -30.79 8.31
CA CYS B 163 -5.09 -30.10 7.31
C CYS B 163 -4.43 -28.76 6.88
N ILE B 164 -4.20 -28.63 5.55
CA ILE B 164 -3.58 -27.48 4.90
C ILE B 164 -4.68 -26.83 4.11
N HIS B 165 -4.96 -25.58 4.46
CA HIS B 165 -6.05 -24.78 3.95
C HIS B 165 -5.85 -24.32 2.52
N ARG B 166 -4.61 -23.87 2.15
CA ARG B 166 -4.22 -23.35 0.83
C ARG B 166 -5.00 -22.07 0.41
N ASP B 167 -6.11 -21.72 1.15
CA ASP B 167 -6.94 -20.56 0.86
C ASP B 167 -7.44 -19.74 2.11
N LEU B 168 -6.57 -19.54 3.12
CA LEU B 168 -6.97 -18.77 4.29
C LEU B 168 -7.06 -17.28 3.93
N ALA B 169 -8.29 -16.72 4.02
CA ALA B 169 -8.66 -15.33 3.73
C ALA B 169 -9.89 -15.00 4.56
N ALA B 170 -10.16 -13.72 4.84
CA ALA B 170 -11.33 -13.34 5.65
C ALA B 170 -12.66 -13.80 5.05
N ARG B 171 -12.73 -13.97 3.72
CA ARG B 171 -13.93 -14.46 3.02
C ARG B 171 -14.22 -15.92 3.41
N ASN B 172 -13.19 -16.65 3.86
CA ASN B 172 -13.30 -18.06 4.23
C ASN B 172 -13.50 -18.26 5.72
N VAL B 173 -13.82 -17.17 6.43
CA VAL B 173 -14.10 -17.20 7.85
C VAL B 173 -15.52 -16.72 8.00
N LEU B 174 -16.34 -17.46 8.77
CA LEU B 174 -17.73 -17.12 9.01
C LEU B 174 -17.90 -16.67 10.45
N VAL B 175 -18.86 -15.75 10.69
CA VAL B 175 -19.11 -15.17 12.02
C VAL B 175 -20.51 -15.56 12.49
N THR B 176 -20.62 -16.15 13.70
CA THR B 176 -21.93 -16.55 14.24
C THR B 176 -22.65 -15.36 14.87
N GLU B 177 -23.89 -15.59 15.34
CA GLU B 177 -24.71 -14.61 16.05
C GLU B 177 -23.97 -14.10 17.29
N ASP B 178 -23.20 -14.97 17.95
CA ASP B 178 -22.44 -14.65 19.16
C ASP B 178 -21.00 -14.18 18.89
N ASN B 179 -20.73 -13.76 17.64
CA ASN B 179 -19.42 -13.22 17.21
C ASN B 179 -18.26 -14.22 17.32
N VAL B 180 -18.57 -15.52 17.15
CA VAL B 180 -17.55 -16.58 17.15
C VAL B 180 -17.03 -16.70 15.72
N MET B 181 -15.69 -16.69 15.56
CA MET B 181 -15.04 -16.85 14.25
C MET B 181 -14.95 -18.32 13.96
N LYS B 182 -15.41 -18.73 12.78
CA LYS B 182 -15.42 -20.12 12.34
C LYS B 182 -14.84 -20.23 10.94
N ILE B 183 -13.70 -20.89 10.81
CA ILE B 183 -13.05 -21.13 9.52
C ILE B 183 -13.93 -22.09 8.69
N ALA B 184 -14.12 -21.78 7.42
CA ALA B 184 -14.96 -22.58 6.52
C ALA B 184 -14.22 -23.32 5.40
N ASP B 185 -12.96 -23.68 5.62
CA ASP B 185 -12.25 -24.50 4.63
C ASP B 185 -11.43 -25.59 5.32
N PHE B 186 -11.51 -26.80 4.75
CA PHE B 186 -10.87 -27.99 5.30
C PHE B 186 -9.91 -28.60 4.24
N HIS B 194 -3.84 -27.83 -12.80
CA HIS B 194 -3.24 -26.49 -12.82
C HIS B 194 -4.19 -25.45 -12.23
N ILE B 195 -3.82 -24.90 -11.05
CA ILE B 195 -4.59 -23.87 -10.33
C ILE B 195 -4.40 -22.50 -11.00
N ASP B 196 -5.52 -21.78 -11.26
CA ASP B 196 -5.52 -20.47 -11.93
C ASP B 196 -5.06 -19.32 -11.04
N TYR B 197 -4.21 -18.43 -11.62
CA TYR B 197 -3.64 -17.25 -10.96
C TYR B 197 -4.47 -16.00 -11.23
N TYR B 198 -5.05 -15.89 -12.44
CA TYR B 198 -5.83 -14.73 -12.88
C TYR B 198 -7.33 -14.75 -12.53
N LYS B 199 -7.83 -15.85 -11.93
CA LYS B 199 -9.24 -16.00 -11.54
C LYS B 199 -9.61 -15.07 -10.39
N LYS B 200 -10.75 -14.36 -10.53
CA LYS B 200 -11.27 -13.40 -9.55
C LYS B 200 -12.50 -13.92 -8.80
N THR B 201 -12.70 -13.40 -7.56
CA THR B 201 -13.82 -13.75 -6.69
C THR B 201 -15.07 -12.86 -6.94
N THR B 202 -16.14 -13.08 -6.15
CA THR B 202 -17.41 -12.33 -6.19
C THR B 202 -17.22 -10.82 -5.89
N ASN B 203 -16.23 -10.48 -5.02
CA ASN B 203 -15.87 -9.10 -4.68
C ASN B 203 -14.71 -8.58 -5.59
N GLY B 204 -14.37 -9.38 -6.60
CA GLY B 204 -13.33 -9.09 -7.60
C GLY B 204 -11.91 -9.02 -7.07
N ARG B 205 -11.51 -10.02 -6.24
CA ARG B 205 -10.17 -10.09 -5.66
C ARG B 205 -9.43 -11.38 -6.06
N LEU B 206 -8.10 -11.26 -6.27
CA LEU B 206 -7.21 -12.35 -6.69
C LEU B 206 -6.67 -13.19 -5.51
N PRO B 207 -7.10 -14.48 -5.37
CA PRO B 207 -6.56 -15.35 -4.29
C PRO B 207 -5.04 -15.46 -4.15
N VAL B 208 -4.28 -15.20 -5.23
CA VAL B 208 -2.82 -15.18 -5.25
C VAL B 208 -2.25 -14.15 -4.25
N LYS B 209 -3.04 -13.12 -3.92
CA LYS B 209 -2.66 -12.07 -2.95
C LYS B 209 -2.57 -12.56 -1.50
N TRP B 210 -3.10 -13.77 -1.23
CA TRP B 210 -3.03 -14.44 0.08
C TRP B 210 -1.98 -15.54 0.10
N MET B 211 -1.31 -15.79 -1.05
CA MET B 211 -0.34 -16.88 -1.17
C MET B 211 1.10 -16.54 -0.88
N ALA B 212 1.79 -17.44 -0.15
CA ALA B 212 3.22 -17.35 0.16
C ALA B 212 4.01 -17.48 -1.16
N PRO B 213 5.20 -16.84 -1.27
CA PRO B 213 5.98 -16.96 -2.52
C PRO B 213 6.28 -18.39 -2.92
N GLU B 214 6.57 -19.29 -1.95
CA GLU B 214 6.87 -20.67 -2.26
C GLU B 214 5.69 -21.46 -2.81
N ALA B 215 4.46 -21.09 -2.39
CA ALA B 215 3.22 -21.69 -2.89
C ALA B 215 2.89 -21.12 -4.27
N LEU B 216 3.17 -19.82 -4.43
CA LEU B 216 2.93 -19.04 -5.63
C LEU B 216 3.85 -19.48 -6.76
N PHE B 217 5.17 -19.57 -6.48
CA PHE B 217 6.21 -19.91 -7.46
C PHE B 217 6.55 -21.40 -7.61
N ASP B 218 6.62 -22.13 -6.50
CA ASP B 218 7.04 -23.53 -6.51
C ASP B 218 5.93 -24.54 -6.28
N ARG B 219 4.69 -24.06 -6.05
CA ARG B 219 3.50 -24.85 -5.73
C ARG B 219 3.69 -25.75 -4.47
N ILE B 220 4.49 -25.24 -3.52
CA ILE B 220 4.79 -25.89 -2.24
C ILE B 220 3.79 -25.34 -1.21
N TYR B 221 2.88 -26.20 -0.73
CA TYR B 221 1.87 -25.81 0.25
C TYR B 221 2.13 -26.54 1.55
N THR B 222 2.33 -25.76 2.62
CA THR B 222 2.62 -26.28 3.95
C THR B 222 1.80 -25.48 4.94
N HIS B 223 1.94 -25.81 6.24
CA HIS B 223 1.36 -25.07 7.34
C HIS B 223 2.01 -23.69 7.38
N GLN B 224 3.31 -23.61 7.08
CA GLN B 224 4.06 -22.34 7.00
C GLN B 224 3.60 -21.41 5.86
N SER B 225 3.08 -21.97 4.75
CA SER B 225 2.52 -21.15 3.68
C SER B 225 1.14 -20.59 4.11
N ASP B 226 0.41 -21.34 4.94
CA ASP B 226 -0.86 -20.92 5.57
C ASP B 226 -0.60 -19.82 6.61
N VAL B 227 0.59 -19.82 7.25
CA VAL B 227 1.01 -18.79 8.21
C VAL B 227 1.14 -17.47 7.46
N TRP B 228 1.77 -17.50 6.26
CA TRP B 228 1.87 -16.32 5.39
C TRP B 228 0.46 -15.75 5.13
N SER B 229 -0.51 -16.63 4.73
CA SER B 229 -1.91 -16.26 4.44
C SER B 229 -2.57 -15.65 5.68
N PHE B 230 -2.24 -16.17 6.88
CA PHE B 230 -2.76 -15.65 8.14
C PHE B 230 -2.32 -14.19 8.34
N GLY B 231 -1.09 -13.86 7.94
CA GLY B 231 -0.54 -12.51 8.01
C GLY B 231 -1.34 -11.54 7.15
N VAL B 232 -1.76 -12.02 5.95
CA VAL B 232 -2.62 -11.27 5.01
C VAL B 232 -3.99 -11.09 5.64
N LEU B 233 -4.51 -12.15 6.26
CA LEU B 233 -5.80 -12.13 6.97
C LEU B 233 -5.75 -11.11 8.15
N LEU B 234 -4.61 -11.04 8.91
CA LEU B 234 -4.41 -10.03 9.97
C LEU B 234 -4.55 -8.63 9.40
N TRP B 235 -3.93 -8.37 8.22
CA TRP B 235 -4.02 -7.08 7.52
C TRP B 235 -5.48 -6.77 7.15
N GLU B 236 -6.25 -7.80 6.74
CA GLU B 236 -7.67 -7.61 6.41
C GLU B 236 -8.45 -7.25 7.65
N ILE B 237 -8.13 -7.86 8.81
CA ILE B 237 -8.82 -7.51 10.07
C ILE B 237 -8.53 -6.06 10.43
N PHE B 238 -7.24 -5.69 10.46
CA PHE B 238 -6.83 -4.36 10.86
C PHE B 238 -7.16 -3.21 9.90
N THR B 239 -7.54 -3.54 8.63
CA THR B 239 -8.02 -2.54 7.66
C THR B 239 -9.54 -2.64 7.59
N LEU B 240 -10.15 -3.45 8.48
CA LEU B 240 -11.59 -3.71 8.55
C LEU B 240 -12.19 -4.17 7.22
N GLY B 241 -11.56 -5.19 6.63
CA GLY B 241 -11.99 -5.77 5.35
C GLY B 241 -11.40 -5.08 4.14
N GLY B 242 -10.21 -4.53 4.29
CA GLY B 242 -9.48 -3.87 3.22
C GLY B 242 -9.01 -4.83 2.17
N SER B 243 -8.73 -4.31 0.98
CA SER B 243 -8.38 -5.06 -0.20
C SER B 243 -6.85 -5.07 -0.37
N PRO B 244 -6.22 -6.26 -0.32
CA PRO B 244 -4.74 -6.32 -0.45
C PRO B 244 -4.22 -5.94 -1.82
N TYR B 245 -3.08 -5.25 -1.83
CA TYR B 245 -2.36 -4.77 -3.03
C TYR B 245 -3.36 -4.21 -4.12
N PRO B 246 -4.26 -3.24 -3.78
CA PRO B 246 -5.24 -2.76 -4.77
C PRO B 246 -4.60 -2.15 -6.01
N GLY B 247 -5.12 -2.54 -7.17
CA GLY B 247 -4.61 -2.08 -8.46
C GLY B 247 -3.32 -2.76 -8.91
N VAL B 248 -2.80 -3.74 -8.13
CA VAL B 248 -1.56 -4.45 -8.47
C VAL B 248 -1.91 -5.72 -9.26
N PRO B 249 -1.50 -5.81 -10.55
CA PRO B 249 -1.79 -7.03 -11.33
C PRO B 249 -0.91 -8.18 -10.84
N VAL B 250 -1.34 -9.41 -11.14
CA VAL B 250 -0.70 -10.67 -10.80
C VAL B 250 0.83 -10.63 -11.06
N GLU B 251 1.25 -10.29 -12.31
CA GLU B 251 2.66 -10.19 -12.73
C GLU B 251 3.49 -9.17 -11.89
N GLU B 252 2.89 -8.04 -11.52
CA GLU B 252 3.54 -7.01 -10.68
C GLU B 252 3.67 -7.45 -9.21
N LEU B 253 2.72 -8.28 -8.72
CA LEU B 253 2.74 -8.83 -7.35
C LEU B 253 3.97 -9.75 -7.18
N PHE B 254 4.25 -10.54 -8.24
CA PHE B 254 5.38 -11.47 -8.31
C PHE B 254 6.69 -10.69 -8.10
N LYS B 255 6.89 -9.57 -8.84
CA LYS B 255 8.08 -8.73 -8.71
C LYS B 255 8.18 -8.08 -7.33
N LEU B 256 7.06 -7.50 -6.80
CA LEU B 256 7.05 -6.87 -5.45
C LEU B 256 7.46 -7.86 -4.34
N LEU B 257 6.95 -9.08 -4.39
CA LEU B 257 7.30 -10.10 -3.39
C LEU B 257 8.76 -10.50 -3.50
N LYS B 258 9.23 -10.84 -4.73
CA LYS B 258 10.63 -11.16 -5.03
C LYS B 258 11.56 -10.02 -4.55
N GLU B 259 11.14 -8.73 -4.73
CA GLU B 259 11.85 -7.52 -4.28
C GLU B 259 11.84 -7.33 -2.75
N GLY B 260 11.10 -8.17 -2.03
CA GLY B 260 10.97 -8.09 -0.58
C GLY B 260 9.98 -7.03 -0.11
N HIS B 261 9.10 -6.56 -1.02
CA HIS B 261 8.07 -5.56 -0.71
C HIS B 261 6.94 -6.23 0.08
N ARG B 262 6.49 -5.52 1.10
CA ARG B 262 5.42 -5.97 1.97
C ARG B 262 4.37 -4.88 2.07
N MET B 263 3.13 -5.28 2.39
CA MET B 263 2.03 -4.33 2.59
C MET B 263 2.34 -3.41 3.77
N ASP B 264 1.77 -2.22 3.72
CA ASP B 264 1.93 -1.16 4.71
C ASP B 264 1.18 -1.52 6.01
N LYS B 265 1.51 -0.81 7.09
CA LYS B 265 0.90 -0.97 8.40
C LYS B 265 -0.46 -0.32 8.36
N PRO B 266 -1.55 -1.10 8.58
CA PRO B 266 -2.88 -0.47 8.55
C PRO B 266 -2.98 0.65 9.58
N SER B 267 -3.76 1.68 9.27
CA SER B 267 -3.94 2.82 10.17
C SER B 267 -4.57 2.35 11.49
N ASN B 268 -4.05 2.87 12.61
CA ASN B 268 -4.47 2.56 13.99
C ASN B 268 -4.01 1.20 14.55
N CYS B 269 -3.43 0.34 13.68
CA CYS B 269 -2.87 -0.95 14.05
C CYS B 269 -1.59 -0.72 14.87
N THR B 270 -1.38 -1.51 15.97
CA THR B 270 -0.19 -1.36 16.81
C THR B 270 1.04 -1.89 16.07
N ASN B 271 2.23 -1.42 16.45
CA ASN B 271 3.50 -1.87 15.88
C ASN B 271 3.71 -3.38 16.15
N GLU B 272 3.29 -3.84 17.35
CA GLU B 272 3.35 -5.23 17.78
C GLU B 272 2.56 -6.14 16.82
N LEU B 273 1.33 -5.74 16.45
CA LEU B 273 0.51 -6.52 15.54
C LEU B 273 1.02 -6.46 14.11
N TYR B 274 1.69 -5.34 13.74
CA TYR B 274 2.30 -5.21 12.42
C TYR B 274 3.55 -6.08 12.33
N MET B 275 4.31 -6.15 13.42
CA MET B 275 5.51 -7.00 13.54
C MET B 275 5.09 -8.47 13.38
N MET B 276 3.94 -8.86 13.93
CA MET B 276 3.36 -10.19 13.78
C MET B 276 3.06 -10.47 12.30
N MET B 277 2.40 -9.54 11.58
CA MET B 277 2.13 -9.62 10.12
C MET B 277 3.41 -9.82 9.35
N ARG B 278 4.40 -8.98 9.64
CA ARG B 278 5.71 -9.02 8.99
C ARG B 278 6.43 -10.34 9.24
N ASP B 279 6.33 -10.88 10.47
CA ASP B 279 6.91 -12.18 10.83
C ASP B 279 6.25 -13.31 10.02
N CYS B 280 4.91 -13.25 9.86
CA CYS B 280 4.13 -14.20 9.05
C CYS B 280 4.58 -14.10 7.58
N TRP B 281 5.03 -12.91 7.15
CA TRP B 281 5.51 -12.66 5.80
C TRP B 281 7.04 -12.80 5.63
N HIS B 282 7.72 -13.56 6.52
CA HIS B 282 9.16 -13.80 6.31
C HIS B 282 9.30 -14.65 5.06
N ALA B 283 10.31 -14.33 4.24
CA ALA B 283 10.62 -15.06 3.00
C ALA B 283 10.94 -16.54 3.31
N VAL B 284 11.72 -16.81 4.37
CA VAL B 284 12.07 -18.19 4.77
C VAL B 284 10.91 -18.73 5.61
N PRO B 285 10.21 -19.78 5.12
CA PRO B 285 9.06 -20.35 5.86
C PRO B 285 9.36 -20.81 7.30
N SER B 286 10.58 -21.31 7.56
CA SER B 286 11.02 -21.78 8.87
C SER B 286 11.23 -20.62 9.85
N GLN B 287 11.32 -19.41 9.32
CA GLN B 287 11.50 -18.18 10.08
C GLN B 287 10.16 -17.57 10.48
N ARG B 288 9.07 -17.98 9.79
CA ARG B 288 7.74 -17.50 10.13
C ARG B 288 7.32 -18.18 11.45
N PRO B 289 6.50 -17.52 12.30
CA PRO B 289 6.02 -18.22 13.51
C PRO B 289 5.13 -19.42 13.14
N THR B 290 4.93 -20.35 14.06
CA THR B 290 4.00 -21.45 13.82
C THR B 290 2.60 -20.95 14.29
N PHE B 291 1.51 -21.70 13.98
CA PHE B 291 0.18 -21.35 14.47
C PHE B 291 0.09 -21.47 16.00
N LYS B 292 0.83 -22.41 16.60
CA LYS B 292 0.95 -22.60 18.05
C LYS B 292 1.53 -21.30 18.69
N GLN B 293 2.61 -20.74 18.10
CA GLN B 293 3.22 -19.49 18.61
C GLN B 293 2.28 -18.31 18.41
N LEU B 294 1.59 -18.25 17.26
CA LEU B 294 0.64 -17.16 16.98
C LEU B 294 -0.49 -17.17 17.98
N VAL B 295 -1.01 -18.37 18.32
CA VAL B 295 -2.08 -18.54 19.33
C VAL B 295 -1.64 -18.00 20.71
N GLU B 296 -0.44 -18.40 21.20
CA GLU B 296 0.12 -17.93 22.48
C GLU B 296 0.31 -16.41 22.49
N ASP B 297 0.93 -15.83 21.42
CA ASP B 297 1.13 -14.38 21.33
C ASP B 297 -0.20 -13.66 21.31
N LEU B 298 -1.18 -14.12 20.48
CA LEU B 298 -2.49 -13.49 20.40
C LEU B 298 -3.31 -13.57 21.69
N ASP B 299 -3.16 -14.68 22.44
CA ASP B 299 -3.81 -14.89 23.72
C ASP B 299 -3.37 -13.81 24.70
N ARG B 300 -2.04 -13.59 24.76
CA ARG B 300 -1.40 -12.59 25.61
C ARG B 300 -1.84 -11.18 25.19
N ILE B 301 -1.81 -10.88 23.87
CA ILE B 301 -2.19 -9.57 23.31
C ILE B 301 -3.68 -9.25 23.64
N VAL B 302 -4.62 -10.20 23.45
CA VAL B 302 -6.04 -10.05 23.75
C VAL B 302 -6.25 -9.56 25.21
N ALA B 303 -5.59 -10.23 26.18
CA ALA B 303 -5.69 -9.90 27.61
C ALA B 303 -5.13 -8.51 27.94
N LEU B 304 -4.16 -8.03 27.15
CA LEU B 304 -3.53 -6.73 27.36
C LEU B 304 -4.23 -5.59 26.60
N THR B 305 -5.01 -5.93 25.55
CA THR B 305 -5.69 -4.94 24.71
C THR B 305 -6.95 -4.42 25.39
N SER B 306 -7.18 -3.10 25.28
CA SER B 306 -8.34 -2.39 25.82
C SER B 306 -9.55 -2.48 24.88
N ASN B 307 -10.75 -2.52 25.47
CA ASN B 307 -12.01 -2.54 24.74
C ASN B 307 -12.67 -1.15 24.80
S SO4 C . 27.39 38.76 -10.22
O1 SO4 C . 28.60 38.94 -9.40
O2 SO4 C . 27.31 39.85 -11.21
O3 SO4 C . 26.21 38.83 -9.35
O4 SO4 C . 27.46 37.45 -10.88
S SO4 D . 15.62 39.68 -4.64
O1 SO4 D . 16.80 40.57 -4.84
O2 SO4 D . 15.54 39.27 -3.20
O3 SO4 D . 14.38 40.44 -4.98
O4 SO4 D . 15.75 38.52 -5.49
C1 EDO E . -1.70 33.47 -9.21
O1 EDO E . -1.08 32.60 -10.17
C2 EDO E . -2.83 34.02 -9.97
O2 EDO E . -2.25 34.73 -11.09
C1 EDO F . 11.53 1.66 -1.86
O1 EDO F . 11.78 2.72 -2.79
C2 EDO F . 10.09 1.65 -1.40
O2 EDO F . 9.27 1.95 -2.53
C1 EDO G . -0.95 29.70 -3.13
O1 EDO G . -1.13 29.75 -1.72
C2 EDO G . -1.96 28.79 -3.82
O2 EDO G . -1.58 27.43 -3.75
C1 EDO H . 15.99 13.18 -22.97
O1 EDO H . 16.15 12.00 -23.77
C2 EDO H . 17.20 14.11 -23.11
O2 EDO H . 17.09 14.89 -24.31
C1 EDO I . 22.33 40.36 -8.13
O1 EDO I . 23.20 39.87 -9.15
C2 EDO I . 21.31 41.33 -8.74
O2 EDO I . 20.83 42.21 -7.71
C26 0S9 J . 19.38 25.22 -12.75
C25 0S9 J . 18.56 24.44 -11.95
C27 0S9 J . 20.74 25.00 -12.77
C24 0S9 J . 19.12 23.45 -11.17
C28 0S9 J . 21.29 24.00 -11.98
C3 0S9 J . 19.73 17.45 -9.76
C17 0S9 J . 22.49 20.50 -8.03
C11 0S9 J . 24.13 15.54 -6.94
C23 0S9 J . 20.48 23.23 -11.17
C12 0S9 J . 24.22 16.77 -6.33
C2 0S9 J . 18.62 18.28 -10.07
C18 0S9 J . 22.25 21.85 -8.09
C4 0S9 J . 20.74 17.92 -10.57
C16 0S9 J . 23.23 20.31 -6.84
C13 0S9 J . 23.64 17.85 -6.98
C9 0S9 J . 23.08 16.51 -8.76
C1 0S9 J . 17.26 18.21 -9.48
C22 0S9 J . 21.07 22.16 -10.31
C21 0S9 J . 21.53 22.75 -9.01
C7 0S9 J . 22.15 17.51 -10.76
N10 0S9 J . 23.57 15.41 -8.15
N6 0S9 J . 18.92 19.19 -11.00
N14 0S9 J . 23.09 17.73 -8.20
N20 0S9 J . 23.43 21.47 -6.20
N19 0S9 J . 22.85 22.38 -6.99
N15 0S9 J . 23.66 19.11 -6.35
N8 0S9 J . 22.53 16.29 -10.04
O5 0S9 J . 20.26 18.94 -11.32
BR1 0S9 J . 25.07 16.86 -4.63
S SO4 K . -12.83 -11.09 -1.25
O1 SO4 K . -11.70 -11.11 -0.31
O2 SO4 K . -12.47 -11.83 -2.46
O3 SO4 K . -14.03 -11.67 -0.64
O4 SO4 K . -13.08 -9.72 -1.61
S SO4 L . -5.06 -2.67 17.40
O1 SO4 L . -4.89 -1.82 18.58
O2 SO4 L . -3.78 -2.84 16.73
O3 SO4 L . -6.03 -2.05 16.48
O4 SO4 L . -5.56 -3.97 17.83
C1 EDO M . -24.76 0.01 9.14
O1 EDO M . -24.70 0.77 10.35
C2 EDO M . -25.37 0.86 8.03
O2 EDO M . -25.39 0.11 6.81
C1 EDO N . -13.92 -3.83 -2.46
O1 EDO N . -14.07 -4.33 -1.13
C2 EDO N . -12.44 -3.59 -2.76
O2 EDO N . -12.15 -2.19 -2.82
C1 EDO O . -25.79 -19.13 -11.33
O1 EDO O . -26.68 -18.05 -11.66
C2 EDO O . -24.63 -19.14 -12.31
O2 EDO O . -23.90 -17.92 -12.22
C1 EDO P . -20.77 -41.56 2.15
O1 EDO P . -19.40 -41.93 1.95
C2 EDO P . -21.16 -41.72 3.62
O2 EDO P . -22.55 -41.41 3.77
C1 EDO Q . 4.98 -1.18 -14.17
O1 EDO Q . 5.17 -0.54 -15.44
C2 EDO Q . 4.56 -0.16 -13.10
O2 EDO Q . 4.66 -0.75 -11.79
C26 0S9 R . -18.69 -26.81 4.85
C25 0S9 R . -18.20 -25.58 5.22
C27 0S9 R . -20.03 -26.92 4.52
C24 0S9 R . -19.02 -24.46 5.26
C28 0S9 R . -20.86 -25.82 4.56
C3 0S9 R . -20.09 -19.10 2.77
C17 0S9 R . -22.71 -20.69 5.90
C11 0S9 R . -24.36 -15.91 4.12
C23 0S9 R . -20.37 -24.58 4.93
C12 0S9 R . -24.44 -16.58 5.31
C2 0S9 R . -18.97 -19.94 2.94
C18 0S9 R . -22.35 -21.80 6.64
C4 0S9 R . -21.10 -19.93 2.36
C16 0S9 R . -23.40 -19.84 6.81
C13 0S9 R . -23.92 -17.88 5.34
C9 0S9 R . -23.38 -17.71 3.10
C1 0S9 R . -17.62 -19.54 3.38
C22 0S9 R . -21.29 -23.38 4.97
C21 0S9 R . -21.62 -23.05 6.41
C7 0S9 R . -22.52 -19.68 2.03
N10 0S9 R . -23.83 -16.45 3.02
N6 0S9 R . -19.26 -21.21 2.65
N14 0S9 R . -23.41 -18.43 4.24
N20 0S9 R . -23.44 -20.37 8.02
N19 0S9 R . -22.82 -21.55 7.89
N15 0S9 R . -23.94 -18.60 6.54
N8 0S9 R . -22.83 -18.26 1.93
O5 0S9 R . -20.61 -21.20 2.29
BR1 0S9 R . -25.22 -15.74 6.81
#